data_6UKD
#
_entry.id   6UKD
#
_cell.length_a   37.273
_cell.length_b   50.398
_cell.length_c   114.497
_cell.angle_alpha   90.000
_cell.angle_beta   90.000
_cell.angle_gamma   90.000
#
_symmetry.space_group_name_H-M   'P 2 21 21'
#
loop_
_entity.id
_entity.type
_entity.pdbx_description
1 polymer Streptopain
2 non-polymer 'benzyl [(2S)-1-(3-nitrophenyl)-3-oxobutan-2-yl]carbamate'
3 non-polymer 'NITRATE ION'
4 water water
#
_entity_poly.entity_id   1
_entity_poly.type   'polypeptide(L)'
_entity_poly.pdbx_seq_one_letter_code
;MDQNFARNEKEAKDSAITFIQKSAAIKAGARSAEDIKLDKVNLGGELSGSNMYVYNISTGGFVIVSGDKRSPEILGYSTS
GSFDANGKENIASFMESYVEQIKENKKLDTTYAGTAEIKQPVVKSLLNSKGIHYNQGNPYNLLTPVIEKVKPGEQSFVGQ
HAATGCVATATAQIMKYHNYPNKGLKDYTYTLSSNNPYFNHPKNLFAAISTRQYNWNNILPTYSGRESNVQKMAISELMA
DVGISVDMDYGPSSGSAGSSRVQRALKENFGYNQSVHQINRSDFSKQDWEAQIDKELSQNQPVYYQGVGKVGGHAFVIDG
ADGRNFYHVNWGWGGVSDGFFRLDALNPSALGTGGGAGGFNGYQSAVVGIKPLEHHHHHH
;
_entity_poly.pdbx_strand_id   A
#
loop_
_chem_comp.id
_chem_comp.type
_chem_comp.name
_chem_comp.formula
NO3 non-polymer 'NITRATE ION' 'N O3 -1'
Q9D non-polymer 'benzyl [(2S)-1-(3-nitrophenyl)-3-oxobutan-2-yl]carbamate' 'C18 H18 N2 O5'
#
# COMPACT_ATOMS: atom_id res chain seq x y z
N GLN A 120 4.49 -3.80 25.47
CA GLN A 120 4.02 -4.13 24.12
C GLN A 120 3.30 -5.48 24.12
N PRO A 121 2.03 -5.49 23.72
CA PRO A 121 1.30 -6.76 23.64
C PRO A 121 1.79 -7.60 22.47
N VAL A 122 1.66 -8.93 22.60
CA VAL A 122 1.96 -9.81 21.47
C VAL A 122 0.72 -9.90 20.59
N VAL A 123 0.88 -9.60 19.30
CA VAL A 123 -0.19 -9.68 18.32
C VAL A 123 0.34 -10.45 17.13
N LYS A 124 -0.25 -11.61 16.85
CA LYS A 124 0.17 -12.41 15.71
C LYS A 124 -0.24 -11.70 14.42
N SER A 125 0.62 -11.81 13.41
CA SER A 125 0.44 -11.09 12.15
C SER A 125 -1.01 -11.14 11.68
N LEU A 126 -1.64 -9.96 11.56
CA LEU A 126 -3.04 -9.89 11.20
C LEU A 126 -3.25 -10.28 9.74
N LEU A 127 -2.40 -9.77 8.85
CA LEU A 127 -2.55 -10.13 7.44
C LEU A 127 -2.23 -11.61 7.20
N ASN A 128 -1.18 -12.16 7.84
CA ASN A 128 -0.89 -13.58 7.59
CA ASN A 128 -0.87 -13.58 7.66
C ASN A 128 -2.02 -14.46 8.10
N SER A 129 -2.69 -14.06 9.17
CA SER A 129 -3.79 -14.84 9.70
C SER A 129 -4.94 -14.94 8.70
N LYS A 130 -5.05 -13.98 7.79
CA LYS A 130 -6.12 -13.97 6.78
C LYS A 130 -5.59 -14.32 5.40
N GLY A 131 -4.34 -14.77 5.31
CA GLY A 131 -3.77 -15.20 4.05
C GLY A 131 -3.48 -14.10 3.05
N ILE A 132 -3.29 -12.86 3.50
CA ILE A 132 -3.26 -11.70 2.61
C ILE A 132 -1.82 -11.38 2.24
N HIS A 133 -1.50 -11.54 0.94
CA HIS A 133 -0.14 -11.35 0.42
C HIS A 133 -0.29 -10.81 -1.00
N TYR A 134 -0.24 -9.49 -1.15
CA TYR A 134 -0.29 -8.87 -2.47
C TYR A 134 1.12 -8.40 -2.88
N ASN A 135 1.26 -8.05 -4.15
CA ASN A 135 2.50 -7.59 -4.75
CA ASN A 135 2.52 -7.44 -4.60
C ASN A 135 2.17 -6.43 -5.67
N GLN A 136 3.17 -5.97 -6.42
CA GLN A 136 2.95 -4.87 -7.34
C GLN A 136 2.90 -5.26 -8.80
N GLY A 137 3.26 -6.50 -9.14
CA GLY A 137 3.25 -6.97 -10.53
C GLY A 137 1.99 -7.73 -10.87
N ASN A 138 2.09 -8.65 -11.82
CA ASN A 138 0.94 -9.43 -12.21
C ASN A 138 0.57 -10.42 -11.08
N PRO A 139 -0.72 -10.72 -10.90
CA PRO A 139 -1.92 -10.22 -11.58
C PRO A 139 -2.53 -9.05 -10.85
N TYR A 140 -1.73 -8.31 -10.11
CA TYR A 140 -2.26 -7.14 -9.41
C TYR A 140 -2.31 -5.91 -10.27
N ASN A 141 -1.52 -5.87 -11.34
CA ASN A 141 -1.35 -4.66 -12.12
C ASN A 141 -2.02 -4.74 -13.48
N LEU A 142 -3.03 -5.61 -13.65
CA LEU A 142 -3.60 -5.79 -14.97
C LEU A 142 -4.45 -4.61 -15.45
N LEU A 143 -4.72 -3.64 -14.59
CA LEU A 143 -5.52 -2.50 -15.01
C LEU A 143 -4.81 -1.17 -14.75
N THR A 144 -3.52 -1.19 -14.44
CA THR A 144 -2.77 0.06 -14.40
C THR A 144 -2.51 0.51 -15.81
N PRO A 145 -2.09 1.76 -16.00
CA PRO A 145 -1.82 2.24 -17.37
C PRO A 145 -0.72 1.45 -18.05
N VAL A 146 -0.89 1.23 -19.36
CA VAL A 146 0.10 0.52 -20.16
C VAL A 146 1.18 1.50 -20.61
N ILE A 147 2.45 1.21 -20.27
CA ILE A 147 3.55 2.12 -20.58
C ILE A 147 3.61 2.39 -22.08
N GLU A 148 3.84 3.66 -22.44
CA GLU A 148 3.73 4.12 -23.83
C GLU A 148 5.06 4.42 -24.50
N LYS A 149 6.08 4.83 -23.74
CA LYS A 149 7.33 5.33 -24.29
C LYS A 149 8.51 4.63 -23.65
N VAL A 150 9.60 4.55 -24.41
CA VAL A 150 10.90 4.17 -23.87
C VAL A 150 11.57 5.41 -23.29
N LYS A 151 11.98 5.32 -22.05
CA LYS A 151 12.77 6.38 -21.46
C LYS A 151 14.17 6.38 -22.06
N PRO A 152 14.68 7.52 -22.54
CA PRO A 152 16.02 7.56 -23.13
C PRO A 152 17.05 6.96 -22.19
N GLY A 153 17.86 6.03 -22.71
CA GLY A 153 18.89 5.38 -21.93
C GLY A 153 18.44 4.14 -21.18
N GLU A 154 17.17 3.76 -21.31
CA GLU A 154 16.62 2.62 -20.58
C GLU A 154 16.12 1.59 -21.57
N GLN A 155 16.06 0.32 -21.14
CA GLN A 155 15.41 -0.71 -21.96
C GLN A 155 13.92 -0.44 -22.03
N SER A 156 13.26 -1.07 -22.99
CA SER A 156 11.84 -0.82 -23.20
C SER A 156 10.98 -1.54 -22.16
N PHE A 157 10.00 -0.82 -21.60
CA PHE A 157 8.87 -1.42 -20.90
C PHE A 157 7.55 -1.16 -21.64
N VAL A 158 7.63 -0.70 -22.89
CA VAL A 158 6.45 -0.35 -23.67
C VAL A 158 5.54 -1.55 -23.82
N GLY A 159 4.25 -1.33 -23.60
CA GLY A 159 3.28 -2.39 -23.74
C GLY A 159 3.09 -3.24 -22.50
N GLN A 160 3.83 -2.95 -21.44
CA GLN A 160 3.64 -3.66 -20.17
C GLN A 160 2.88 -2.74 -19.22
N HIS A 161 2.05 -3.34 -18.37
CA HIS A 161 1.41 -2.55 -17.32
C HIS A 161 2.41 -1.99 -16.32
N ALA A 162 2.17 -0.75 -15.89
CA ALA A 162 2.97 -0.13 -14.84
C ALA A 162 2.82 -0.90 -13.53
N ALA A 163 3.82 -0.76 -12.68
CA ALA A 163 3.72 -1.30 -11.32
C ALA A 163 2.52 -0.67 -10.60
N THR A 164 1.90 -1.42 -9.67
CA THR A 164 0.80 -0.81 -8.91
C THR A 164 1.28 0.32 -8.01
N GLY A 165 2.53 0.27 -7.56
CA GLY A 165 3.00 1.22 -6.54
C GLY A 165 2.92 0.60 -5.16
N CYS A 166 4.00 0.67 -4.37
CA CYS A 166 3.94 0.13 -3.02
C CYS A 166 2.87 0.82 -2.16
N VAL A 167 2.59 2.10 -2.41
CA VAL A 167 1.54 2.77 -1.65
C VAL A 167 0.19 2.10 -1.91
N ALA A 168 -0.11 1.76 -3.19
CA ALA A 168 -1.37 1.09 -3.49
C ALA A 168 -1.41 -0.33 -2.94
N THR A 169 -0.30 -1.07 -3.05
CA THR A 169 -0.31 -2.43 -2.57
C THR A 169 -0.50 -2.47 -1.06
N ALA A 170 0.14 -1.55 -0.34
CA ALA A 170 -0.01 -1.52 1.11
C ALA A 170 -1.46 -1.22 1.48
N THR A 171 -2.02 -0.19 0.86
CA THR A 171 -3.39 0.20 1.17
C THR A 171 -4.38 -0.90 0.79
N ALA A 172 -4.22 -1.51 -0.39
CA ALA A 172 -5.12 -2.59 -0.80
C ALA A 172 -5.07 -3.79 0.13
N GLN A 173 -3.88 -4.14 0.66
CA GLN A 173 -3.83 -5.25 1.61
C GLN A 173 -4.65 -4.93 2.86
N ILE A 174 -4.59 -3.68 3.35
CA ILE A 174 -5.38 -3.33 4.53
C ILE A 174 -6.86 -3.33 4.20
N MET A 175 -7.22 -2.84 3.01
CA MET A 175 -8.62 -2.86 2.60
C MET A 175 -9.15 -4.30 2.53
N LYS A 176 -8.35 -5.24 2.01
CA LYS A 176 -8.76 -6.62 1.98
C LYS A 176 -8.94 -7.18 3.39
N TYR A 177 -8.12 -6.73 4.35
CA TYR A 177 -8.29 -7.21 5.72
C TYR A 177 -9.68 -6.89 6.27
N HIS A 178 -10.25 -5.74 5.86
CA HIS A 178 -11.58 -5.35 6.30
C HIS A 178 -12.70 -5.76 5.34
N ASN A 179 -12.35 -6.21 4.14
CA ASN A 179 -13.31 -6.43 3.06
C ASN A 179 -14.26 -5.24 2.91
N TYR A 180 -13.66 -4.06 2.71
CA TYR A 180 -14.43 -2.81 2.79
C TYR A 180 -13.77 -1.79 1.87
N PRO A 181 -14.55 -0.96 1.14
CA PRO A 181 -16.00 -0.82 1.12
C PRO A 181 -16.71 -1.78 0.18
N ASN A 182 -18.00 -1.96 0.44
CA ASN A 182 -18.81 -2.67 -0.53
C ASN A 182 -19.11 -1.78 -1.72
N LYS A 183 -19.36 -0.50 -1.47
CA LYS A 183 -19.62 0.47 -2.52
C LYS A 183 -18.63 1.62 -2.41
N GLY A 184 -18.01 1.98 -3.54
CA GLY A 184 -17.21 3.18 -3.56
C GLY A 184 -18.05 4.41 -3.42
N LEU A 185 -17.42 5.49 -2.95
CA LEU A 185 -18.13 6.73 -2.59
C LEU A 185 -17.94 7.87 -3.59
N LYS A 186 -16.74 8.07 -4.11
CA LYS A 186 -16.46 9.28 -4.90
C LYS A 186 -15.39 9.00 -5.94
N ASP A 187 -15.64 9.44 -7.18
CA ASP A 187 -14.66 9.31 -8.26
C ASP A 187 -13.39 10.11 -7.96
N TYR A 188 -12.36 9.84 -8.75
CA TYR A 188 -11.11 10.61 -8.65
C TYR A 188 -10.48 10.74 -10.02
N THR A 189 -9.91 11.92 -10.30
CA THR A 189 -9.28 12.27 -11.56
C THR A 189 -7.99 13.01 -11.26
N TYR A 190 -6.91 12.75 -12.01
CA TYR A 190 -5.70 13.56 -11.89
C TYR A 190 -4.91 13.48 -13.17
N THR A 191 -3.87 14.30 -13.26
CA THR A 191 -3.04 14.38 -14.46
C THR A 191 -1.61 14.01 -14.07
N LEU A 192 -0.99 13.11 -14.84
CA LEU A 192 0.40 12.74 -14.56
C LEU A 192 1.34 13.92 -14.73
N SER A 193 2.42 13.92 -13.95
CA SER A 193 3.49 14.89 -14.14
C SER A 193 4.02 14.81 -15.58
N SER A 194 4.24 15.99 -16.20
CA SER A 194 4.77 16.04 -17.55
C SER A 194 6.23 15.60 -17.64
N ASN A 195 6.91 15.40 -16.52
CA ASN A 195 8.26 14.88 -16.63
C ASN A 195 8.29 13.36 -16.49
N ASN A 196 7.13 12.72 -16.39
CA ASN A 196 7.08 11.25 -16.45
C ASN A 196 7.43 10.79 -17.86
N PRO A 197 8.51 10.04 -18.06
CA PRO A 197 8.98 9.71 -19.41
C PRO A 197 8.28 8.53 -20.04
N TYR A 198 7.37 7.87 -19.32
CA TYR A 198 6.76 6.63 -19.79
C TYR A 198 5.45 6.84 -20.51
N PHE A 199 4.92 8.07 -20.49
CA PHE A 199 3.64 8.35 -21.10
C PHE A 199 3.73 9.62 -21.92
N ASN A 200 2.92 9.67 -22.97
CA ASN A 200 2.75 10.91 -23.70
C ASN A 200 1.90 11.88 -22.90
N HIS A 201 2.13 13.16 -23.13
CA HIS A 201 1.50 14.15 -22.26
C HIS A 201 0.66 15.15 -23.05
N PRO A 202 -0.39 15.69 -22.43
CA PRO A 202 -0.90 15.39 -21.09
C PRO A 202 -1.57 14.04 -21.03
N LYS A 203 -1.50 13.40 -19.87
CA LYS A 203 -2.14 12.12 -19.62
C LYS A 203 -3.02 12.28 -18.39
N ASN A 204 -4.34 12.15 -18.57
CA ASN A 204 -5.28 12.19 -17.46
C ASN A 204 -5.72 10.78 -17.10
N LEU A 205 -5.88 10.54 -15.80
CA LEU A 205 -6.36 9.26 -15.32
C LEU A 205 -7.63 9.44 -14.49
N PHE A 206 -8.52 8.47 -14.57
CA PHE A 206 -9.85 8.60 -13.97
C PHE A 206 -10.27 7.25 -13.43
N ALA A 207 -10.80 7.23 -12.20
CA ALA A 207 -11.39 6.01 -11.65
C ALA A 207 -12.81 6.31 -11.17
N ALA A 208 -13.80 5.60 -11.71
CA ALA A 208 -15.21 5.80 -11.39
C ALA A 208 -15.58 5.11 -10.07
N ILE A 209 -14.86 5.50 -9.02
CA ILE A 209 -15.00 4.78 -7.74
C ILE A 209 -16.42 4.89 -7.20
N SER A 210 -17.12 6.01 -7.45
CA SER A 210 -18.50 6.16 -6.99
C SER A 210 -19.45 5.12 -7.56
N THR A 211 -19.08 4.43 -8.63
CA THR A 211 -19.95 3.41 -9.21
C THR A 211 -19.55 2.01 -8.80
N ARG A 212 -18.47 1.85 -8.04
CA ARG A 212 -17.92 0.53 -7.81
C ARG A 212 -18.74 -0.24 -6.81
N GLN A 213 -18.97 -1.52 -7.11
CA GLN A 213 -19.42 -2.52 -6.14
C GLN A 213 -18.30 -3.54 -6.08
N TYR A 214 -17.47 -3.46 -5.04
CA TYR A 214 -16.35 -4.38 -4.91
C TYR A 214 -16.84 -5.70 -4.36
N ASN A 215 -16.53 -6.79 -5.07
CA ASN A 215 -16.93 -8.12 -4.66
C ASN A 215 -15.75 -8.76 -3.94
N TRP A 216 -15.83 -8.79 -2.61
CA TRP A 216 -14.70 -9.23 -1.82
C TRP A 216 -14.54 -10.72 -1.82
N ASN A 217 -15.53 -11.45 -2.33
CA ASN A 217 -15.32 -12.87 -2.58
C ASN A 217 -14.44 -13.08 -3.79
N ASN A 218 -14.42 -12.13 -4.72
CA ASN A 218 -13.55 -12.25 -5.90
C ASN A 218 -12.19 -11.61 -5.71
N ILE A 219 -12.10 -10.62 -4.81
CA ILE A 219 -10.83 -10.00 -4.45
C ILE A 219 -10.20 -10.93 -3.42
N LEU A 220 -9.41 -11.89 -3.88
CA LEU A 220 -8.91 -12.96 -3.02
C LEU A 220 -7.77 -12.47 -2.13
N PRO A 221 -7.49 -13.20 -1.05
CA PRO A 221 -6.40 -12.75 -0.15
C PRO A 221 -5.03 -12.81 -0.81
N THR A 222 -4.81 -13.77 -1.70
CA THR A 222 -3.56 -13.84 -2.45
C THR A 222 -3.80 -14.60 -3.75
N TYR A 223 -2.79 -14.54 -4.62
CA TYR A 223 -2.88 -15.09 -5.98
C TYR A 223 -1.63 -15.90 -6.31
N SER A 224 -1.85 -17.12 -6.76
CA SER A 224 -0.79 -18.04 -7.16
C SER A 224 -0.70 -18.17 -8.67
N GLY A 225 -1.73 -17.75 -9.41
CA GLY A 225 -1.78 -17.90 -10.86
C GLY A 225 -3.00 -18.67 -11.34
N ARG A 226 -3.48 -19.62 -10.55
CA ARG A 226 -4.58 -20.47 -11.02
C ARG A 226 -5.95 -19.84 -10.90
N GLU A 227 -6.03 -18.62 -10.40
CA GLU A 227 -7.30 -17.97 -10.18
C GLU A 227 -7.97 -17.64 -11.50
N SER A 228 -9.28 -17.36 -11.42
CA SER A 228 -10.02 -17.01 -12.63
C SER A 228 -9.69 -15.59 -13.08
N ASN A 229 -9.97 -15.31 -14.36
CA ASN A 229 -9.77 -13.95 -14.85
C ASN A 229 -10.65 -12.98 -14.08
N VAL A 230 -11.84 -13.40 -13.66
CA VAL A 230 -12.69 -12.52 -12.86
C VAL A 230 -12.00 -12.16 -11.55
N GLN A 231 -11.38 -13.15 -10.89
CA GLN A 231 -10.69 -12.90 -9.64
C GLN A 231 -9.47 -12.00 -9.86
N LYS A 232 -8.74 -12.22 -10.96
CA LYS A 232 -7.58 -11.37 -11.24
C LYS A 232 -8.02 -9.95 -11.55
N MET A 233 -9.09 -9.80 -12.34
CA MET A 233 -9.55 -8.45 -12.62
C MET A 233 -10.08 -7.76 -11.38
N ALA A 234 -10.60 -8.53 -10.40
CA ALA A 234 -11.16 -7.90 -9.22
C ALA A 234 -10.06 -7.22 -8.41
N ILE A 235 -8.96 -7.93 -8.14
CA ILE A 235 -7.90 -7.27 -7.40
C ILE A 235 -7.23 -6.20 -8.27
N SER A 236 -7.13 -6.41 -9.59
CA SER A 236 -6.48 -5.41 -10.42
C SER A 236 -7.28 -4.12 -10.46
N GLU A 237 -8.61 -4.23 -10.41
CA GLU A 237 -9.46 -3.05 -10.38
C GLU A 237 -9.26 -2.27 -9.09
N LEU A 238 -9.23 -2.99 -7.96
CA LEU A 238 -9.01 -2.31 -6.69
C LEU A 238 -7.65 -1.65 -6.66
N MET A 239 -6.61 -2.36 -7.12
CA MET A 239 -5.27 -1.78 -7.15
C MET A 239 -5.23 -0.53 -8.02
N ALA A 240 -5.91 -0.57 -9.17
CA ALA A 240 -5.87 0.58 -10.05
C ALA A 240 -6.64 1.75 -9.46
N ASP A 241 -7.83 1.48 -8.89
CA ASP A 241 -8.60 2.54 -8.22
C ASP A 241 -7.81 3.19 -7.08
N VAL A 242 -7.18 2.37 -6.25
CA VAL A 242 -6.43 2.92 -5.13
C VAL A 242 -5.25 3.74 -5.62
N GLY A 243 -4.52 3.23 -6.63
CA GLY A 243 -3.39 4.00 -7.15
C GLY A 243 -3.81 5.34 -7.74
N ILE A 244 -4.89 5.33 -8.51
CA ILE A 244 -5.39 6.59 -9.06
C ILE A 244 -5.77 7.56 -7.94
N SER A 245 -6.41 7.06 -6.88
CA SER A 245 -6.84 7.94 -5.80
C SER A 245 -5.68 8.55 -5.02
N VAL A 246 -4.47 8.01 -5.13
CA VAL A 246 -3.31 8.61 -4.49
C VAL A 246 -2.35 9.23 -5.50
N ASP A 247 -2.85 9.55 -6.70
CA ASP A 247 -2.10 10.31 -7.70
C ASP A 247 -0.81 9.59 -8.08
N MET A 248 -0.94 8.29 -8.35
CA MET A 248 0.24 7.47 -8.61
C MET A 248 0.99 7.95 -9.84
N ASP A 249 2.29 8.12 -9.67
CA ASP A 249 3.17 8.43 -10.80
C ASP A 249 3.63 7.10 -11.40
N TYR A 250 2.88 6.64 -12.41
CA TYR A 250 3.02 5.27 -12.89
C TYR A 250 4.27 5.08 -13.75
N GLY A 251 4.92 3.92 -13.58
CA GLY A 251 6.00 3.54 -14.44
C GLY A 251 6.41 2.11 -14.14
N PRO A 252 7.57 1.68 -14.64
CA PRO A 252 8.12 0.39 -14.20
C PRO A 252 8.19 0.32 -12.69
N SER A 253 8.57 1.42 -12.05
CA SER A 253 8.29 1.68 -10.66
CA SER A 253 8.27 1.68 -10.66
C SER A 253 7.27 2.82 -10.59
N SER A 254 6.43 2.80 -9.57
CA SER A 254 5.32 3.75 -9.47
C SER A 254 5.30 4.38 -8.08
N GLY A 255 5.34 5.71 -8.03
CA GLY A 255 5.53 6.44 -6.77
C GLY A 255 4.35 7.32 -6.43
N SER A 256 4.05 7.40 -5.13
CA SER A 256 3.02 8.30 -4.64
C SER A 256 3.54 8.99 -3.39
N ALA A 257 2.97 10.16 -3.07
CA ALA A 257 3.33 10.84 -1.81
C ALA A 257 2.94 10.03 -0.58
N GLY A 258 1.99 9.10 -0.70
CA GLY A 258 1.76 8.13 0.37
C GLY A 258 0.75 8.64 1.38
N SER A 259 1.16 8.60 2.67
CA SER A 259 0.27 8.83 3.80
C SER A 259 -0.77 9.93 3.60
N SER A 260 -0.33 11.14 3.25
CA SER A 260 -1.27 12.24 3.20
C SER A 260 -2.36 11.99 2.16
N ARG A 261 -2.02 11.29 1.07
CA ARG A 261 -3.01 10.96 0.05
C ARG A 261 -3.85 9.75 0.46
N VAL A 262 -3.20 8.77 1.09
CA VAL A 262 -3.88 7.55 1.51
C VAL A 262 -4.99 7.86 2.50
N GLN A 263 -4.69 8.67 3.52
CA GLN A 263 -5.70 8.97 4.53
C GLN A 263 -6.91 9.66 3.90
N ARG A 264 -6.66 10.57 2.95
CA ARG A 264 -7.77 11.28 2.28
C ARG A 264 -8.58 10.32 1.42
N ALA A 265 -7.90 9.47 0.66
CA ALA A 265 -8.59 8.55 -0.24
C ALA A 265 -9.44 7.57 0.55
N LEU A 266 -8.90 7.03 1.64
CA LEU A 266 -9.64 6.03 2.39
C LEU A 266 -10.97 6.59 2.89
N LYS A 267 -10.98 7.84 3.36
CA LYS A 267 -12.21 8.47 3.84
C LYS A 267 -13.07 8.96 2.67
N GLU A 268 -12.50 9.79 1.80
CA GLU A 268 -13.31 10.52 0.83
C GLU A 268 -13.74 9.67 -0.36
N ASN A 269 -12.87 8.80 -0.84
CA ASN A 269 -13.23 7.96 -1.99
C ASN A 269 -13.78 6.62 -1.58
N PHE A 270 -13.28 6.02 -0.50
CA PHE A 270 -13.65 4.65 -0.14
C PHE A 270 -14.52 4.55 1.11
N GLY A 271 -14.87 5.67 1.75
CA GLY A 271 -15.86 5.64 2.82
C GLY A 271 -15.43 5.01 4.12
N TYR A 272 -14.13 4.95 4.40
CA TYR A 272 -13.68 4.53 5.73
C TYR A 272 -14.02 5.60 6.77
N ASN A 273 -13.96 5.18 8.05
CA ASN A 273 -14.38 6.04 9.15
C ASN A 273 -13.50 7.27 9.28
N GLN A 274 -14.06 8.32 9.86
CA GLN A 274 -13.35 9.55 10.14
CA GLN A 274 -13.30 9.53 10.08
C GLN A 274 -12.18 9.35 11.10
N SER A 275 -12.08 8.18 11.76
CA SER A 275 -10.91 7.92 12.60
C SER A 275 -9.62 7.83 11.80
N VAL A 276 -9.71 7.64 10.48
CA VAL A 276 -8.52 7.51 9.64
C VAL A 276 -7.75 8.83 9.66
N HIS A 277 -6.46 8.75 9.96
CA HIS A 277 -5.64 9.94 9.87
C HIS A 277 -4.17 9.57 9.82
N GLN A 278 -3.38 10.48 9.24
CA GLN A 278 -1.93 10.37 9.26
C GLN A 278 -1.35 10.83 10.59
N ILE A 279 -0.33 10.11 11.07
CA ILE A 279 0.51 10.55 12.17
C ILE A 279 1.96 10.53 11.70
N ASN A 280 2.74 11.51 12.13
CA ASN A 280 4.12 11.67 11.75
C ASN A 280 5.02 11.35 12.94
N ARG A 281 6.07 10.57 12.68
CA ARG A 281 6.97 10.10 13.73
C ARG A 281 7.57 11.26 14.52
N SER A 282 7.89 12.35 13.82
CA SER A 282 8.51 13.52 14.42
C SER A 282 7.63 14.20 15.46
N ASP A 283 6.35 13.86 15.54
CA ASP A 283 5.42 14.51 16.46
C ASP A 283 5.26 13.79 17.79
N PHE A 284 5.95 12.66 17.98
CA PHE A 284 5.74 11.83 19.17
C PHE A 284 7.06 11.36 19.74
N SER A 285 7.08 11.15 21.05
CA SER A 285 8.15 10.35 21.61
C SER A 285 8.11 8.94 21.05
N LYS A 286 9.22 8.22 21.20
CA LYS A 286 9.21 6.83 20.77
C LYS A 286 8.11 6.05 21.49
N GLN A 287 7.98 6.28 22.80
CA GLN A 287 6.95 5.54 23.54
C GLN A 287 5.55 5.85 23.02
N ASP A 288 5.24 7.13 22.78
CA ASP A 288 3.89 7.49 22.37
C ASP A 288 3.62 7.04 20.93
N TRP A 289 4.66 7.05 20.09
CA TRP A 289 4.54 6.54 18.73
C TRP A 289 4.20 5.05 18.74
N GLU A 290 4.99 4.27 19.49
CA GLU A 290 4.75 2.83 19.53
C GLU A 290 3.44 2.52 20.23
N ALA A 291 3.04 3.34 21.21
CA ALA A 291 1.78 3.06 21.88
C ALA A 291 0.60 3.24 20.92
N GLN A 292 0.71 4.17 19.98
CA GLN A 292 -0.37 4.32 19.00
C GLN A 292 -0.45 3.13 18.06
N ILE A 293 0.71 2.65 17.60
CA ILE A 293 0.74 1.43 16.78
C ILE A 293 0.16 0.26 17.56
N ASP A 294 0.62 0.09 18.81
CA ASP A 294 0.14 -1.01 19.65
C ASP A 294 -1.37 -0.94 19.82
N LYS A 295 -1.91 0.26 20.03
CA LYS A 295 -3.35 0.42 20.20
C LYS A 295 -4.10 -0.04 18.96
N GLU A 296 -3.60 0.34 17.79
CA GLU A 296 -4.23 -0.12 16.55
C GLU A 296 -4.23 -1.65 16.50
N LEU A 297 -3.08 -2.25 16.79
CA LEU A 297 -2.98 -3.70 16.66
C LEU A 297 -3.89 -4.40 17.66
N SER A 298 -4.03 -3.83 18.86
CA SER A 298 -4.94 -4.37 19.87
CA SER A 298 -4.93 -4.44 19.83
C SER A 298 -6.38 -4.30 19.42
N GLN A 299 -6.70 -3.41 18.48
CA GLN A 299 -8.06 -3.30 17.97
C GLN A 299 -8.21 -4.01 16.63
N ASN A 300 -7.27 -4.90 16.29
CA ASN A 300 -7.28 -5.66 15.03
C ASN A 300 -7.31 -4.73 13.83
N GLN A 301 -6.48 -3.69 13.88
CA GLN A 301 -6.43 -2.67 12.84
C GLN A 301 -5.00 -2.58 12.30
N PRO A 302 -4.68 -3.27 11.21
CA PRO A 302 -3.36 -3.08 10.60
C PRO A 302 -3.09 -1.60 10.30
N VAL A 303 -1.80 -1.24 10.28
CA VAL A 303 -1.37 0.15 10.16
C VAL A 303 -0.60 0.32 8.84
N TYR A 304 -1.00 1.33 8.07
CA TYR A 304 -0.21 1.77 6.92
C TYR A 304 1.02 2.54 7.41
N TYR A 305 2.19 2.25 6.84
CA TYR A 305 3.42 2.85 7.35
C TYR A 305 4.37 3.12 6.20
N GLN A 306 5.14 4.21 6.30
CA GLN A 306 6.12 4.47 5.24
C GLN A 306 7.33 5.17 5.81
N GLY A 307 8.43 5.10 5.06
CA GLY A 307 9.66 5.76 5.45
C GLY A 307 10.65 5.79 4.31
N VAL A 308 11.73 6.53 4.54
CA VAL A 308 12.73 6.83 3.53
CA VAL A 308 12.73 6.72 3.50
C VAL A 308 14.11 6.50 4.09
N GLY A 309 15.03 6.10 3.20
CA GLY A 309 16.40 5.88 3.61
C GLY A 309 17.28 5.66 2.41
N LYS A 310 18.38 4.95 2.61
CA LYS A 310 19.39 4.85 1.56
C LYS A 310 19.06 3.79 0.51
N VAL A 311 17.90 3.13 0.61
CA VAL A 311 17.45 2.20 -0.41
C VAL A 311 16.09 2.67 -0.91
N GLY A 312 15.86 3.97 -0.86
CA GLY A 312 14.67 4.60 -1.42
C GLY A 312 13.58 4.87 -0.39
N GLY A 313 12.37 5.08 -0.91
CA GLY A 313 11.19 5.26 -0.08
C GLY A 313 10.22 4.12 -0.32
N HIS A 314 9.58 3.66 0.75
CA HIS A 314 8.72 2.49 0.66
C HIS A 314 7.56 2.63 1.64
N ALA A 315 6.44 2.05 1.26
CA ALA A 315 5.19 1.99 2.03
C ALA A 315 4.83 0.54 2.24
N PHE A 316 4.31 0.22 3.43
CA PHE A 316 4.14 -1.19 3.84
C PHE A 316 3.13 -1.24 4.98
N VAL A 317 2.96 -2.41 5.58
CA VAL A 317 1.91 -2.60 6.57
C VAL A 317 2.54 -3.15 7.83
N ILE A 318 2.24 -2.51 8.97
CA ILE A 318 2.57 -3.06 10.28
C ILE A 318 1.34 -3.81 10.77
N ASP A 319 1.51 -5.10 11.08
CA ASP A 319 0.31 -5.88 11.41
C ASP A 319 0.55 -6.86 12.54
N GLY A 320 1.59 -6.67 13.34
CA GLY A 320 1.74 -7.55 14.48
C GLY A 320 2.85 -7.01 15.36
N ALA A 321 3.08 -7.73 16.47
CA ALA A 321 4.04 -7.29 17.50
C ALA A 321 4.43 -8.52 18.31
N ASP A 322 5.69 -8.57 18.72
CA ASP A 322 6.18 -9.78 19.38
C ASP A 322 6.42 -9.61 20.87
N GLY A 323 6.12 -8.45 21.42
CA GLY A 323 6.28 -8.23 22.86
C GLY A 323 7.66 -7.78 23.28
N ARG A 324 8.61 -7.69 22.35
CA ARG A 324 9.96 -7.23 22.67
C ARG A 324 10.35 -6.05 21.78
N ASN A 325 9.34 -5.26 21.39
CA ASN A 325 9.48 -4.01 20.64
C ASN A 325 9.85 -4.23 19.18
N PHE A 326 9.68 -5.44 18.66
CA PHE A 326 9.71 -5.66 17.21
C PHE A 326 8.29 -5.75 16.71
N TYR A 327 8.09 -5.36 15.44
CA TYR A 327 6.76 -5.36 14.83
C TYR A 327 6.77 -6.22 13.60
N HIS A 328 5.66 -6.90 13.33
CA HIS A 328 5.59 -7.67 12.08
C HIS A 328 5.27 -6.74 10.92
N VAL A 329 6.01 -6.92 9.83
CA VAL A 329 5.91 -6.09 8.63
C VAL A 329 5.56 -6.95 7.42
N ASN A 330 4.60 -6.48 6.62
CA ASN A 330 4.26 -7.03 5.31
C ASN A 330 4.73 -6.01 4.29
N TRP A 331 5.79 -6.33 3.55
CA TRP A 331 6.40 -5.33 2.68
C TRP A 331 5.68 -5.14 1.36
N GLY A 332 4.69 -5.99 1.05
CA GLY A 332 4.03 -5.84 -0.24
C GLY A 332 4.78 -6.42 -1.41
N TRP A 333 5.66 -7.40 -1.17
CA TRP A 333 6.42 -8.08 -2.21
C TRP A 333 6.03 -9.53 -2.31
N GLY A 334 4.78 -9.85 -1.96
CA GLY A 334 4.31 -11.21 -2.02
C GLY A 334 4.77 -12.10 -0.89
N GLY A 335 5.48 -11.57 0.10
CA GLY A 335 5.95 -12.40 1.19
C GLY A 335 7.43 -12.23 1.45
N VAL A 336 8.18 -11.89 0.40
CA VAL A 336 9.63 -11.71 0.53
C VAL A 336 9.92 -10.67 1.61
N SER A 337 10.85 -11.01 2.50
CA SER A 337 11.37 -10.18 3.59
C SER A 337 10.38 -9.95 4.73
N ASP A 338 9.14 -10.41 4.64
CA ASP A 338 8.21 -10.20 5.74
C ASP A 338 8.78 -10.83 7.01
N GLY A 339 8.53 -10.20 8.14
CA GLY A 339 9.10 -10.66 9.40
C GLY A 339 9.03 -9.56 10.44
N PHE A 340 9.89 -9.70 11.47
CA PHE A 340 9.82 -8.82 12.61
C PHE A 340 10.97 -7.81 12.55
N PHE A 341 10.62 -6.54 12.74
CA PHE A 341 11.55 -5.43 12.63
C PHE A 341 11.27 -4.43 13.72
N ARG A 342 12.33 -3.79 14.18
CA ARG A 342 12.19 -2.58 14.97
C ARG A 342 11.77 -1.43 14.06
N LEU A 343 10.97 -0.50 14.62
CA LEU A 343 10.46 0.59 13.79
C LEU A 343 11.55 1.57 13.41
N ASP A 344 12.68 1.54 14.11
CA ASP A 344 13.81 2.32 13.69
C ASP A 344 14.89 1.49 13.00
N ALA A 345 14.56 0.27 12.58
CA ALA A 345 15.47 -0.52 11.75
C ALA A 345 14.64 -1.34 10.77
N LEU A 346 13.82 -0.63 9.98
CA LEU A 346 12.97 -1.23 8.95
C LEU A 346 13.80 -1.48 7.70
N ASN A 347 14.61 -2.56 7.77
CA ASN A 347 15.71 -2.79 6.84
C ASN A 347 15.60 -4.17 6.21
N PRO A 348 14.77 -4.33 5.19
CA PRO A 348 14.61 -5.66 4.57
C PRO A 348 15.82 -6.03 3.71
N SER A 349 16.28 -7.29 3.82
CA SER A 349 17.47 -7.72 3.11
C SER A 349 17.24 -7.94 1.60
N ALA A 350 15.99 -7.92 1.15
CA ALA A 350 15.69 -8.07 -0.27
C ALA A 350 16.15 -6.85 -1.08
N LEU A 351 16.43 -5.74 -0.41
CA LEU A 351 16.92 -4.53 -1.06
C LEU A 351 18.38 -4.32 -0.71
N GLY A 352 19.03 -3.50 -1.53
CA GLY A 352 20.42 -3.16 -1.32
C GLY A 352 21.34 -4.00 -2.18
N THR A 353 22.07 -3.35 -3.08
CA THR A 353 23.06 -4.00 -3.92
C THR A 353 24.45 -3.63 -3.42
N GLY A 354 25.33 -4.61 -3.38
CA GLY A 354 26.71 -4.40 -3.00
C GLY A 354 27.04 -4.89 -1.62
N GLY A 355 26.02 -5.24 -0.81
CA GLY A 355 26.22 -5.91 0.46
C GLY A 355 25.97 -5.07 1.68
N GLY A 356 25.53 -3.82 1.53
CA GLY A 356 25.49 -2.88 2.62
C GLY A 356 24.19 -2.86 3.40
N ALA A 357 24.00 -1.79 4.17
CA ALA A 357 22.84 -1.63 5.02
C ALA A 357 21.92 -0.55 4.48
N GLY A 358 20.65 -0.67 4.80
CA GLY A 358 19.72 0.36 4.40
C GLY A 358 18.29 0.05 4.77
N GLY A 359 17.50 1.07 5.08
CA GLY A 359 16.16 0.81 5.54
C GLY A 359 15.33 2.07 5.52
N PHE A 360 14.09 1.95 5.96
CA PHE A 360 13.14 3.05 5.77
C PHE A 360 12.93 3.78 7.09
N ASN A 361 14.01 4.38 7.57
CA ASN A 361 14.06 4.83 8.95
C ASN A 361 13.94 6.34 9.09
N GLY A 362 13.82 7.07 7.99
CA GLY A 362 13.65 8.50 8.05
C GLY A 362 12.32 8.96 7.51
N TYR A 363 11.92 10.20 7.84
CA TYR A 363 10.68 10.79 7.34
C TYR A 363 9.50 9.83 7.48
N GLN A 364 9.39 9.22 8.66
CA GLN A 364 8.40 8.16 8.84
C GLN A 364 7.04 8.73 9.14
N SER A 365 6.02 8.07 8.59
CA SER A 365 4.65 8.41 8.95
C SER A 365 3.80 7.16 8.83
N ALA A 366 2.58 7.25 9.36
CA ALA A 366 1.66 6.13 9.38
C ALA A 366 0.26 6.66 9.14
N VAL A 367 -0.61 5.78 8.69
CA VAL A 367 -2.04 6.06 8.68
C VAL A 367 -2.68 5.06 9.63
N VAL A 368 -3.34 5.60 10.64
CA VAL A 368 -3.95 4.83 11.73
C VAL A 368 -5.45 5.08 11.72
N GLY A 369 -6.17 4.38 12.60
CA GLY A 369 -7.60 4.53 12.65
C GLY A 369 -8.32 3.91 11.48
N ILE A 370 -7.68 2.98 10.78
CA ILE A 370 -8.27 2.47 9.55
C ILE A 370 -9.28 1.40 9.93
N LYS A 371 -10.55 1.74 9.81
CA LYS A 371 -11.65 0.81 10.03
C LYS A 371 -12.88 1.36 9.33
N PRO A 372 -13.84 0.50 8.99
CA PRO A 372 -15.04 0.98 8.28
C PRO A 372 -15.99 1.76 9.15
N LEU A 373 -16.11 1.38 10.43
CA LEU A 373 -17.22 1.77 11.29
C LEU A 373 -16.72 2.65 12.43
N GLU A 374 -17.68 3.22 13.18
CA GLU A 374 -17.35 4.05 14.33
C GLU A 374 -16.58 3.25 15.39
N HIS A 375 -16.98 2.00 15.64
CA HIS A 375 -16.37 1.18 16.67
C HIS A 375 -15.54 0.01 16.14
N HIS A 376 -15.71 -0.38 14.89
CA HIS A 376 -14.98 -1.52 14.35
C HIS A 376 -14.77 -1.39 12.84
C22 Q9D B . 9.50 7.17 -7.62
C24 Q9D B . 8.74 4.91 -7.40
C28 Q9D B . 6.09 6.32 -1.07
C02 Q9D B . 6.92 5.18 -2.94
C04 Q9D B . 7.80 3.62 -4.71
C05 Q9D B . 9.17 3.52 -5.35
C06 Q9D B . 9.32 4.82 -6.14
C07 Q9D B . 9.98 5.91 -5.60
C08 Q9D B . 10.08 7.08 -6.36
C23 Q9D B . 8.83 6.08 -8.15
C25 Q9D B . 7.28 2.24 -4.37
C29 Q9D B . 6.71 7.19 0.00
C30 Q9D B . 6.51 8.55 0.00
C31 Q9D B . 7.09 9.35 0.98
C32 Q9D B . 7.87 8.78 1.97
C33 Q9D B . 8.08 7.41 1.96
C34 Q9D B . 7.52 6.61 0.98
C56 Q9D B . 7.60 1.64 -3.02
N03 Q9D B . 7.97 4.40 -3.49
N09 Q9D B . 10.78 8.23 -5.84
O01 Q9D B . 5.88 5.37 -3.49
O27 Q9D B . 7.18 5.73 -1.70
O41 Q9D B . 11.40 8.14 -4.58
O47 Q9D B . 10.81 9.42 -6.58
O52 Q9D B . 6.64 1.63 -5.17
N NO3 C . 15.62 -9.10 7.01
O1 NO3 C . 14.81 -9.40 6.08
O2 NO3 C . 16.58 -8.31 6.79
O3 NO3 C . 15.48 -9.55 8.19
N NO3 D . 18.54 4.16 6.48
O1 NO3 D . 19.01 3.57 7.50
O2 NO3 D . 17.74 5.14 6.69
O3 NO3 D . 18.84 3.79 5.30
#